data_1ZHH
#
_entry.id   1ZHH
#
_cell.length_a   128.468
_cell.length_b   128.468
_cell.length_c   95.671
_cell.angle_alpha   90.00
_cell.angle_beta   90.00
_cell.angle_gamma   120.00
#
_symmetry.space_group_name_H-M   'P 65'
#
loop_
_entity.id
_entity.type
_entity.pdbx_description
1 polymer 'Autoinducer 2-binding periplasmic protein luxP'
2 polymer 'Autoinducer 2 sensor kinase/phosphatase luxQ'
3 non-polymer '2-[N-CYCLOHEXYLAMINO]ETHANE SULFONIC ACID'
4 water water
#
loop_
_entity_poly.entity_id
_entity_poly.type
_entity_poly.pdbx_seq_one_letter_code
_entity_poly.pdbx_strand_id
1 'polypeptide(L)'
;TQVLNGYWGYQEFLDEFPEQRNLTNALSEAVRAQPVPLSKPTQRPIKISVVYPGQQVSDYWVRNIASFEKRLYKLNINYQ
LNQVFTRPNADIKQQSLSLMEALKSKSDYLIFTLDTTRHRKFVEHVLDSTNTKLILQNITTPVREWDKHQPFLYVGFDHA
EGSRELATEFGKFFPKHTYYSVLYFSEGYISDVRGDTFIHQVNRDNNFELQSAYYTKATKQSGYDAAKASLAKHPDVDFI
YACSTDVALGAVDALAELGREDIMINGWGGGSAELDAIQKGDLDITVMRMNDDTGIAMAEAIKWDLEDKPVPTVYSGDFE
IVTKADSPERIEALKKRAFRYSDN
;
A
2 'polypeptide(L)'
;GSYFSKQIIWQEVDRTKQQTSALIHNIFDSHFAAIQIHHDSNSKSEVIRDFYTDRDTDVLNFFFLSIDQSDPSHTPEFRF
LTDHKGIIWDDGNAHFYGVNDLILDSLANRVSFSNNWYYINVMTSIGSRHMLVRRVPILDPSTGEVLGFSFNAVVLDNNF
ALMEKLKSESNVDNVVLVANSVPLANSLIGDEPYNVADVLQRKSSDKRLDKLLVIETPIVVNAVTTELCLLTVQDNQSVV
TL
;
B
#
loop_
_chem_comp.id
_chem_comp.type
_chem_comp.name
_chem_comp.formula
NHE non-polymer '2-[N-CYCLOHEXYLAMINO]ETHANE SULFONIC ACID' 'C8 H17 N O3 S'
#
# COMPACT_ATOMS: atom_id res chain seq x y z
N THR A 1 -1.64 -13.60 -9.97
CA THR A 1 -0.90 -12.51 -9.30
C THR A 1 -1.54 -12.22 -7.95
N GLN A 2 -0.87 -12.62 -6.88
CA GLN A 2 -1.36 -12.39 -5.53
C GLN A 2 -0.26 -11.70 -4.73
N VAL A 3 -0.41 -10.41 -4.49
CA VAL A 3 0.53 -9.67 -3.67
C VAL A 3 0.32 -10.06 -2.22
N LEU A 4 1.41 -10.29 -1.50
CA LEU A 4 1.35 -10.80 -0.13
C LEU A 4 1.60 -9.63 0.84
N ASN A 5 0.63 -8.72 0.86
CA ASN A 5 0.68 -7.51 1.67
C ASN A 5 -0.40 -7.56 2.75
N GLY A 6 -0.10 -6.95 3.90
CA GLY A 6 -0.94 -7.05 5.07
C GLY A 6 -2.22 -6.24 5.10
N TYR A 7 -2.51 -5.52 4.01
CA TYR A 7 -3.71 -4.69 3.95
C TYR A 7 -4.54 -4.99 2.72
N TRP A 8 -5.86 -4.92 2.87
CA TRP A 8 -6.77 -4.90 1.74
C TRP A 8 -6.74 -3.54 1.07
N GLY A 9 -6.65 -3.52 -0.25
CA GLY A 9 -6.99 -2.32 -1.00
C GLY A 9 -8.44 -1.95 -0.73
N TYR A 10 -8.79 -0.66 -0.87
CA TYR A 10 -10.15 -0.18 -0.68
C TYR A 10 -11.13 -0.85 -1.64
N GLN A 11 -10.85 -0.75 -2.94
CA GLN A 11 -11.71 -1.38 -3.94
C GLN A 11 -11.64 -2.91 -3.84
N GLU A 12 -10.48 -3.45 -3.49
CA GLU A 12 -10.28 -4.88 -3.33
C GLU A 12 -11.20 -5.45 -2.24
N PHE A 13 -11.29 -4.72 -1.13
CA PHE A 13 -12.15 -5.08 -0.02
C PHE A 13 -13.62 -5.06 -0.43
N LEU A 14 -14.02 -4.02 -1.16
CA LEU A 14 -15.41 -3.86 -1.55
C LEU A 14 -15.81 -4.90 -2.60
N ASP A 15 -14.85 -5.40 -3.37
CA ASP A 15 -15.08 -6.50 -4.31
C ASP A 15 -15.13 -7.87 -3.63
N GLU A 16 -14.32 -8.05 -2.58
CA GLU A 16 -14.26 -9.31 -1.85
C GLU A 16 -15.55 -9.52 -1.05
N PHE A 17 -16.13 -8.42 -0.56
CA PHE A 17 -17.36 -8.46 0.23
C PHE A 17 -18.38 -7.53 -0.41
N PRO A 18 -19.12 -8.03 -1.42
CA PRO A 18 -20.06 -7.19 -2.19
C PRO A 18 -21.09 -6.43 -1.36
N GLU A 19 -21.56 -6.99 -0.25
CA GLU A 19 -22.52 -6.25 0.58
C GLU A 19 -21.85 -5.02 1.22
N GLN A 20 -20.55 -5.11 1.50
CA GLN A 20 -19.80 -3.94 1.95
C GLN A 20 -19.83 -2.79 0.95
N ARG A 21 -19.80 -3.09 -0.36
CA ARG A 21 -19.91 -2.04 -1.36
C ARG A 21 -21.27 -1.35 -1.31
N ASN A 22 -22.34 -2.11 -1.10
CA ASN A 22 -23.69 -1.53 -0.97
C ASN A 22 -23.78 -0.63 0.26
N LEU A 23 -23.20 -1.06 1.38
CA LEU A 23 -23.22 -0.29 2.61
C LEU A 23 -22.40 0.99 2.47
N THR A 24 -21.25 0.87 1.82
CA THR A 24 -20.36 2.01 1.61
C THR A 24 -20.99 3.04 0.68
N ASN A 25 -21.64 2.56 -0.39
CA ASN A 25 -22.36 3.42 -1.33
C ASN A 25 -23.54 4.15 -0.66
N ALA A 26 -24.25 3.46 0.22
CA ALA A 26 -25.35 4.08 0.96
C ALA A 26 -24.82 5.18 1.89
N LEU A 27 -23.65 4.95 2.49
CA LEU A 27 -23.04 5.94 3.37
C LEU A 27 -22.60 7.14 2.56
N SER A 28 -22.02 6.88 1.39
CA SER A 28 -21.55 7.95 0.51
C SER A 28 -22.71 8.88 0.15
N GLU A 29 -23.85 8.26 -0.17
CA GLU A 29 -25.06 9.01 -0.54
C GLU A 29 -25.64 9.79 0.64
N ALA A 30 -25.62 9.20 1.83
CA ALA A 30 -26.15 9.86 3.02
C ALA A 30 -25.29 11.07 3.41
N VAL A 31 -23.98 10.95 3.19
CA VAL A 31 -23.03 12.01 3.52
C VAL A 31 -23.26 13.25 2.67
N ARG A 32 -23.59 13.05 1.40
CA ARG A 32 -23.81 14.16 0.47
C ARG A 32 -25.16 14.84 0.69
N ALA A 33 -26.15 14.06 1.10
CA ALA A 33 -27.51 14.56 1.25
C ALA A 33 -27.69 15.29 2.57
N GLN A 34 -28.84 15.93 2.72
CA GLN A 34 -29.17 16.64 3.95
C GLN A 34 -29.41 15.64 5.09
N PRO A 35 -29.15 16.05 6.33
CA PRO A 35 -29.34 15.18 7.50
C PRO A 35 -30.76 14.60 7.64
N VAL A 36 -30.82 13.32 7.98
CA VAL A 36 -32.07 12.63 8.32
C VAL A 36 -31.91 12.19 9.79
N PRO A 37 -32.52 12.95 10.71
CA PRO A 37 -32.32 12.75 12.14
C PRO A 37 -32.51 11.32 12.67
N LEU A 38 -31.81 11.03 13.76
CA LEU A 38 -31.90 9.76 14.48
C LEU A 38 -33.36 9.40 14.77
N SER A 39 -33.75 8.20 14.37
CA SER A 39 -35.13 7.74 14.51
C SER A 39 -35.35 6.85 15.75
N LYS A 40 -34.26 6.51 16.44
CA LYS A 40 -34.31 5.72 17.67
C LYS A 40 -33.56 6.45 18.78
N PRO A 41 -34.27 7.26 19.57
CA PRO A 41 -33.66 7.99 20.70
C PRO A 41 -32.95 7.08 21.70
N THR A 42 -31.81 7.53 22.23
CA THR A 42 -31.05 6.80 23.23
C THR A 42 -31.51 7.19 24.64
N GLN A 43 -31.43 6.25 25.57
CA GLN A 43 -31.83 6.50 26.96
C GLN A 43 -30.85 7.47 27.65
N ARG A 44 -29.59 7.44 27.22
CA ARG A 44 -28.57 8.36 27.70
C ARG A 44 -27.75 8.93 26.53
N PRO A 45 -27.02 10.02 26.75
CA PRO A 45 -26.07 10.52 25.74
C PRO A 45 -24.94 9.53 25.48
N ILE A 46 -24.57 9.33 24.21
CA ILE A 46 -23.44 8.48 23.90
C ILE A 46 -22.13 9.17 24.28
N LYS A 47 -21.15 8.38 24.69
CA LYS A 47 -19.84 8.88 25.08
C LYS A 47 -18.90 8.60 23.91
N ILE A 48 -18.25 9.64 23.42
CA ILE A 48 -17.29 9.54 22.32
C ILE A 48 -15.94 10.09 22.80
N SER A 49 -14.87 9.35 22.54
CA SER A 49 -13.51 9.84 22.75
C SER A 49 -12.83 9.97 21.40
N VAL A 50 -12.05 11.03 21.22
CA VAL A 50 -11.31 11.26 19.99
C VAL A 50 -9.86 11.53 20.33
N VAL A 51 -8.96 10.84 19.63
CA VAL A 51 -7.53 10.99 19.80
C VAL A 51 -6.98 11.67 18.56
N TYR A 52 -6.41 12.86 18.74
CA TYR A 52 -5.77 13.60 17.66
C TYR A 52 -4.31 13.82 18.01
N PRO A 53 -3.47 14.10 17.03
CA PRO A 53 -2.10 14.55 17.32
C PRO A 53 -2.13 16.04 17.66
N GLY A 54 -1.34 16.43 18.64
CA GLY A 54 -1.27 17.82 19.07
C GLY A 54 -0.29 18.60 18.21
N GLN A 55 -0.18 19.90 18.50
CA GLN A 55 0.83 20.76 17.89
C GLN A 55 0.86 20.65 16.36
N GLN A 56 -0.33 20.68 15.77
CA GLN A 56 -0.49 20.62 14.32
C GLN A 56 -0.54 22.05 13.77
N VAL A 57 0.19 22.28 12.69
CA VAL A 57 0.17 23.58 12.02
C VAL A 57 -1.08 23.70 11.15
N SER A 58 -1.42 22.63 10.46
CA SER A 58 -2.65 22.56 9.66
C SER A 58 -3.89 22.47 10.55
N ASP A 59 -5.03 22.92 10.05
CA ASP A 59 -6.30 22.83 10.77
C ASP A 59 -7.18 21.65 10.30
N TYR A 60 -6.53 20.64 9.69
CA TYR A 60 -7.25 19.49 9.17
C TYR A 60 -8.14 18.83 10.24
N TRP A 61 -7.57 18.55 11.40
CA TRP A 61 -8.30 17.84 12.45
C TRP A 61 -9.31 18.74 13.19
N VAL A 62 -9.01 20.04 13.27
CA VAL A 62 -9.97 20.99 13.84
C VAL A 62 -11.24 21.02 12.99
N ARG A 63 -11.07 21.03 11.67
CA ARG A 63 -12.21 21.00 10.75
C ARG A 63 -12.96 19.68 10.88
N ASN A 64 -12.22 18.60 11.03
CA ASN A 64 -12.79 17.26 11.14
C ASN A 64 -13.75 17.15 12.32
N ILE A 65 -13.30 17.59 13.50
CA ILE A 65 -14.13 17.52 14.69
C ILE A 65 -15.31 18.49 14.60
N ALA A 66 -15.12 19.64 13.96
CA ALA A 66 -16.20 20.60 13.74
C ALA A 66 -17.29 19.99 12.86
N SER A 67 -16.88 19.25 11.84
CA SER A 67 -17.82 18.65 10.91
C SER A 67 -18.58 17.49 11.57
N PHE A 68 -17.86 16.70 12.37
CA PHE A 68 -18.41 15.58 13.12
C PHE A 68 -19.47 16.07 14.11
N GLU A 69 -19.09 17.02 14.96
CA GLU A 69 -19.99 17.56 15.98
C GLU A 69 -21.23 18.22 15.40
N LYS A 70 -21.07 18.97 14.30
CA LYS A 70 -22.20 19.64 13.66
C LYS A 70 -23.20 18.63 13.12
N ARG A 71 -22.70 17.54 12.52
CA ARG A 71 -23.58 16.52 11.97
C ARG A 71 -24.31 15.78 13.09
N LEU A 72 -23.63 15.49 14.19
CA LEU A 72 -24.27 14.85 15.34
C LEU A 72 -25.44 15.71 15.82
N TYR A 73 -25.18 17.00 15.96
CA TYR A 73 -26.21 17.97 16.37
C TYR A 73 -27.40 17.97 15.42
N LYS A 74 -27.13 18.07 14.12
CA LYS A 74 -28.18 18.09 13.11
C LYS A 74 -28.94 16.76 13.01
N LEU A 75 -28.31 15.68 13.46
CA LEU A 75 -28.93 14.36 13.50
C LEU A 75 -29.68 14.08 14.82
N ASN A 76 -29.67 15.04 15.73
CA ASN A 76 -30.34 14.91 17.03
C ASN A 76 -29.78 13.78 17.90
N ILE A 77 -28.47 13.61 17.86
CA ILE A 77 -27.78 12.64 18.69
C ILE A 77 -27.17 13.39 19.86
N ASN A 78 -27.60 13.05 21.07
CA ASN A 78 -27.00 13.62 22.26
C ASN A 78 -25.72 12.89 22.56
N TYR A 79 -24.66 13.63 22.87
CA TYR A 79 -23.35 13.04 23.10
C TYR A 79 -22.54 13.85 24.11
N GLN A 80 -21.54 13.19 24.69
CA GLN A 80 -20.51 13.79 25.51
C GLN A 80 -19.18 13.43 24.87
N LEU A 81 -18.43 14.44 24.44
CA LEU A 81 -17.18 14.24 23.68
C LEU A 81 -15.95 14.56 24.54
N ASN A 82 -15.00 13.63 24.55
CA ASN A 82 -13.73 13.79 25.25
C ASN A 82 -12.62 13.83 24.21
N GLN A 83 -11.89 14.93 24.14
CA GLN A 83 -10.75 15.06 23.21
C GLN A 83 -9.43 14.78 23.95
N VAL A 84 -8.57 13.99 23.30
CA VAL A 84 -7.30 13.56 23.85
C VAL A 84 -6.21 13.87 22.83
N PHE A 85 -5.16 14.58 23.26
CA PHE A 85 -4.08 14.98 22.36
C PHE A 85 -2.75 14.35 22.77
N THR A 86 -2.03 13.80 21.79
CA THR A 86 -0.70 13.22 22.02
C THR A 86 0.35 14.19 21.53
N ARG A 87 1.54 14.15 22.13
CA ARG A 87 2.65 14.98 21.67
C ARG A 87 3.42 14.21 20.60
N PRO A 88 3.44 14.73 19.35
CA PRO A 88 4.04 13.99 18.22
C PRO A 88 5.45 13.44 18.43
N ASN A 89 6.34 14.22 19.02
CA ASN A 89 7.74 13.82 19.21
C ASN A 89 8.02 13.03 20.49
N ALA A 90 7.00 12.85 21.34
CA ALA A 90 7.14 12.06 22.56
C ALA A 90 7.35 10.58 22.25
N ASP A 91 8.05 9.87 23.14
CA ASP A 91 8.31 8.44 22.97
C ASP A 91 7.05 7.62 23.24
N ILE A 92 7.10 6.32 22.93
CA ILE A 92 5.93 5.47 22.97
C ILE A 92 5.34 5.29 24.38
N LYS A 93 6.20 5.25 25.40
CA LYS A 93 5.74 5.14 26.77
C LYS A 93 4.90 6.37 27.17
N GLN A 94 5.36 7.54 26.78
CA GLN A 94 4.70 8.80 27.10
C GLN A 94 3.36 8.94 26.36
N GLN A 95 3.33 8.59 25.08
CA GLN A 95 2.09 8.67 24.31
C GLN A 95 1.06 7.68 24.82
N SER A 96 1.52 6.49 25.22
CA SER A 96 0.63 5.44 25.71
C SER A 96 0.03 5.79 27.08
N LEU A 97 0.70 6.66 27.82
CA LEU A 97 0.13 7.20 29.06
C LEU A 97 -1.00 8.17 28.71
N SER A 98 -0.76 9.04 27.73
CA SER A 98 -1.78 9.98 27.25
C SER A 98 -3.03 9.26 26.73
N LEU A 99 -2.86 8.12 26.07
CA LEU A 99 -4.00 7.36 25.53
C LEU A 99 -4.90 6.77 26.62
N MET A 100 -4.38 6.64 27.85
CA MET A 100 -5.21 6.23 28.97
C MET A 100 -6.41 7.15 29.17
N GLU A 101 -6.23 8.44 28.84
CA GLU A 101 -7.31 9.43 28.92
C GLU A 101 -8.51 9.04 28.04
N ALA A 102 -8.23 8.41 26.89
CA ALA A 102 -9.28 7.92 25.99
C ALA A 102 -10.06 6.72 26.54
N LEU A 103 -9.41 5.93 27.38
CA LEU A 103 -10.05 4.78 28.02
C LEU A 103 -10.82 5.17 29.29
N LYS A 104 -10.35 6.20 29.99
CA LYS A 104 -10.97 6.67 31.24
C LYS A 104 -12.40 7.15 31.06
N SER A 105 -12.73 7.59 29.84
CA SER A 105 -14.06 8.09 29.54
C SER A 105 -15.10 6.98 29.33
N LYS A 106 -14.63 5.74 29.19
CA LYS A 106 -15.51 4.57 29.02
C LYS A 106 -16.47 4.79 27.85
N SER A 107 -15.88 5.17 26.73
CA SER A 107 -16.62 5.56 25.54
C SER A 107 -17.43 4.42 24.93
N ASP A 108 -18.49 4.82 24.23
CA ASP A 108 -19.23 3.94 23.33
C ASP A 108 -18.55 3.86 21.96
N TYR A 109 -17.90 4.94 21.56
CA TYR A 109 -17.13 5.03 20.31
C TYR A 109 -15.79 5.76 20.55
N LEU A 110 -14.70 5.19 20.05
CA LEU A 110 -13.38 5.78 20.19
C LEU A 110 -12.84 6.05 18.79
N ILE A 111 -12.65 7.32 18.47
CA ILE A 111 -12.13 7.76 17.18
C ILE A 111 -10.63 7.97 17.33
N PHE A 112 -9.84 7.32 16.48
CA PHE A 112 -8.39 7.25 16.64
C PHE A 112 -7.72 7.62 15.32
N THR A 113 -6.91 8.67 15.33
CA THR A 113 -6.34 9.21 14.10
C THR A 113 -4.84 8.96 13.97
N LEU A 114 -4.23 8.31 14.96
CA LEU A 114 -2.79 8.11 14.92
C LEU A 114 -2.44 6.87 14.11
N ASP A 115 -1.15 6.72 13.82
CA ASP A 115 -0.67 5.59 13.05
C ASP A 115 -0.93 4.26 13.78
N THR A 116 -1.56 3.32 13.07
CA THR A 116 -1.96 2.04 13.65
C THR A 116 -0.84 1.01 13.71
N THR A 117 0.30 1.29 13.09
CA THR A 117 1.49 0.46 13.27
C THR A 117 2.24 0.86 14.54
N ARG A 118 2.59 2.15 14.64
CA ARG A 118 3.22 2.67 15.86
C ARG A 118 2.42 2.32 17.12
N HIS A 119 1.11 2.53 17.04
CA HIS A 119 0.22 2.31 18.18
C HIS A 119 -0.59 1.02 18.06
N ARG A 120 0.01 0.01 17.42
CA ARG A 120 -0.67 -1.27 17.21
C ARG A 120 -1.14 -1.90 18.51
N LYS A 121 -0.31 -1.87 19.55
CA LYS A 121 -0.68 -2.44 20.83
C LYS A 121 -1.97 -1.80 21.37
N PHE A 122 -2.09 -0.48 21.30
CA PHE A 122 -3.28 0.21 21.80
C PHE A 122 -4.53 -0.17 21.01
N VAL A 123 -4.47 -0.11 19.68
CA VAL A 123 -5.65 -0.39 18.87
C VAL A 123 -6.10 -1.85 18.97
N GLU A 124 -5.14 -2.77 19.06
CA GLU A 124 -5.47 -4.19 19.21
C GLU A 124 -6.05 -4.46 20.61
N HIS A 125 -5.64 -3.67 21.59
CA HIS A 125 -6.21 -3.74 22.93
C HIS A 125 -7.67 -3.29 22.90
N VAL A 126 -7.95 -2.19 22.21
CA VAL A 126 -9.33 -1.72 22.08
C VAL A 126 -10.21 -2.79 21.41
N LEU A 127 -9.69 -3.41 20.37
CA LEU A 127 -10.43 -4.45 19.65
C LEU A 127 -10.63 -5.73 20.47
N ASP A 128 -9.60 -6.16 21.18
CA ASP A 128 -9.59 -7.46 21.88
C ASP A 128 -10.10 -7.42 23.30
N SER A 129 -10.09 -6.24 23.93
CA SER A 129 -10.18 -6.14 25.39
C SER A 129 -11.05 -5.00 25.93
N THR A 130 -11.85 -4.36 25.09
CA THR A 130 -12.77 -3.32 25.55
C THR A 130 -14.12 -3.48 24.91
N ASN A 131 -15.09 -2.72 25.41
CA ASN A 131 -16.44 -2.70 24.86
C ASN A 131 -16.74 -1.40 24.10
N THR A 132 -15.70 -0.71 23.64
CA THR A 132 -15.93 0.47 22.79
C THR A 132 -15.81 0.06 21.33
N LYS A 133 -16.45 0.84 20.46
CA LYS A 133 -16.41 0.61 19.03
C LYS A 133 -15.37 1.55 18.44
N LEU A 134 -14.36 0.98 17.81
CA LEU A 134 -13.20 1.71 17.32
C LEU A 134 -13.45 2.28 15.92
N ILE A 135 -13.22 3.57 15.75
CA ILE A 135 -13.25 4.22 14.44
C ILE A 135 -11.86 4.74 14.15
N LEU A 136 -11.26 4.29 13.05
CA LEU A 136 -9.94 4.74 12.65
C LEU A 136 -10.04 5.76 11.52
N GLN A 137 -9.33 6.87 11.62
CA GLN A 137 -9.24 7.84 10.54
C GLN A 137 -7.88 7.79 9.87
N ASN A 138 -7.79 8.39 8.68
CA ASN A 138 -6.58 8.37 7.87
C ASN A 138 -6.12 6.95 7.48
N ILE A 139 -7.09 6.07 7.28
CA ILE A 139 -6.82 4.74 6.75
C ILE A 139 -8.09 4.20 6.07
N THR A 140 -7.93 3.72 4.85
CA THR A 140 -9.04 3.19 4.05
C THR A 140 -8.73 1.79 3.51
N THR A 141 -7.72 1.15 4.08
CA THR A 141 -7.25 -0.16 3.65
C THR A 141 -7.27 -1.11 4.85
N PRO A 142 -8.37 -1.84 5.03
CA PRO A 142 -8.51 -2.71 6.20
C PRO A 142 -7.32 -3.65 6.45
N VAL A 143 -7.02 -3.86 7.72
CA VAL A 143 -5.89 -4.68 8.17
C VAL A 143 -6.29 -6.14 8.08
N ARG A 144 -5.52 -6.94 7.34
CA ARG A 144 -5.83 -8.35 7.13
C ARG A 144 -5.74 -9.17 8.41
N GLU A 145 -4.83 -8.79 9.31
CA GLU A 145 -4.66 -9.45 10.61
C GLU A 145 -5.96 -9.43 11.43
N TRP A 146 -6.81 -8.42 11.18
CA TRP A 146 -8.07 -8.27 11.90
C TRP A 146 -9.32 -8.77 11.16
N ASP A 147 -9.14 -9.68 10.20
CA ASP A 147 -10.26 -10.17 9.38
C ASP A 147 -11.40 -10.78 10.20
N LYS A 148 -11.06 -11.42 11.32
CA LYS A 148 -12.06 -12.06 12.18
C LYS A 148 -12.86 -11.05 13.02
N HIS A 149 -12.24 -9.90 13.30
CA HIS A 149 -12.90 -8.83 14.06
C HIS A 149 -12.34 -7.46 13.68
N GLN A 150 -12.99 -6.82 12.70
CA GLN A 150 -12.56 -5.53 12.20
C GLN A 150 -13.10 -4.42 13.08
N PRO A 151 -12.43 -3.26 13.07
CA PRO A 151 -12.99 -2.05 13.68
C PRO A 151 -14.40 -1.74 13.15
N PHE A 152 -15.12 -0.97 13.94
CA PHE A 152 -16.44 -0.47 13.57
C PHE A 152 -16.42 0.30 12.24
N LEU A 153 -15.41 1.13 12.04
CA LEU A 153 -15.31 1.94 10.82
C LEU A 153 -13.89 2.42 10.56
N TYR A 154 -13.49 2.38 9.29
CA TYR A 154 -12.26 3.00 8.79
C TYR A 154 -12.73 4.16 7.90
N VAL A 155 -12.21 5.36 8.11
CA VAL A 155 -12.47 6.47 7.19
C VAL A 155 -11.20 7.18 6.78
N GLY A 156 -11.26 7.80 5.61
CA GLY A 156 -10.16 8.60 5.09
C GLY A 156 -10.44 8.99 3.66
N PHE A 157 -9.43 9.51 2.98
CA PHE A 157 -9.50 9.77 1.55
C PHE A 157 -8.48 8.85 0.88
N ASP A 158 -8.97 7.80 0.24
CA ASP A 158 -8.11 6.72 -0.22
C ASP A 158 -7.11 7.21 -1.27
N HIS A 159 -5.83 6.94 -1.01
CA HIS A 159 -4.74 7.40 -1.87
C HIS A 159 -4.85 6.83 -3.28
N ALA A 160 -5.16 5.54 -3.40
CA ALA A 160 -5.25 4.88 -4.70
C ALA A 160 -6.40 5.44 -5.51
N GLU A 161 -7.55 5.66 -4.88
CA GLU A 161 -8.72 6.28 -5.53
C GLU A 161 -8.39 7.65 -6.14
N GLY A 162 -7.78 8.52 -5.34
CA GLY A 162 -7.38 9.83 -5.83
C GLY A 162 -6.41 9.74 -6.98
N SER A 163 -5.42 8.86 -6.88
CA SER A 163 -4.41 8.70 -7.93
C SER A 163 -5.01 8.15 -9.22
N ARG A 164 -5.99 7.26 -9.11
CA ARG A 164 -6.66 6.70 -10.28
C ARG A 164 -7.47 7.77 -11.00
N GLU A 165 -8.09 8.68 -10.26
CA GLU A 165 -8.83 9.77 -10.86
C GLU A 165 -7.88 10.68 -11.66
N LEU A 166 -6.69 10.93 -11.12
CA LEU A 166 -5.67 11.69 -11.86
C LEU A 166 -5.20 10.93 -13.09
N ALA A 167 -4.93 9.63 -12.95
CA ALA A 167 -4.51 8.80 -14.08
C ALA A 167 -5.54 8.80 -15.20
N THR A 168 -6.82 8.80 -14.85
CA THR A 168 -7.90 8.83 -15.84
C THR A 168 -7.88 10.13 -16.63
N GLU A 169 -7.66 11.25 -15.93
CA GLU A 169 -7.61 12.55 -16.58
C GLU A 169 -6.39 12.72 -17.48
N PHE A 170 -5.22 12.27 -17.00
CA PHE A 170 -4.00 12.32 -17.83
C PHE A 170 -4.16 11.42 -19.06
N GLY A 171 -4.81 10.27 -18.88
CA GLY A 171 -5.05 9.32 -19.95
C GLY A 171 -5.96 9.84 -21.04
N LYS A 172 -6.92 10.68 -20.67
CA LYS A 172 -7.85 11.29 -21.63
C LYS A 172 -7.16 12.37 -22.46
N PHE A 173 -6.30 13.15 -21.82
CA PHE A 173 -5.72 14.33 -22.43
C PHE A 173 -4.55 14.06 -23.37
N PHE A 174 -3.72 13.08 -23.03
CA PHE A 174 -2.51 12.78 -23.80
C PHE A 174 -2.67 11.50 -24.63
N PRO A 175 -2.09 11.47 -25.83
CA PRO A 175 -2.17 10.29 -26.70
C PRO A 175 -1.32 9.12 -26.21
N LYS A 176 -1.53 7.95 -26.81
CA LYS A 176 -0.81 6.74 -26.43
C LYS A 176 0.70 6.95 -26.57
N HIS A 177 1.46 6.25 -25.73
CA HIS A 177 2.94 6.32 -25.74
C HIS A 177 3.52 7.67 -25.31
N THR A 178 2.71 8.51 -24.65
CA THR A 178 3.19 9.79 -24.14
C THR A 178 4.32 9.58 -23.13
N TYR A 179 5.34 10.42 -23.21
CA TYR A 179 6.50 10.35 -22.32
C TYR A 179 6.20 11.15 -21.06
N TYR A 180 6.52 10.59 -19.89
CA TYR A 180 6.32 11.30 -18.62
C TYR A 180 7.37 10.92 -17.57
N SER A 181 7.51 11.75 -16.55
CA SER A 181 8.34 11.43 -15.40
C SER A 181 7.52 11.52 -14.11
N VAL A 182 8.00 10.84 -13.08
CA VAL A 182 7.31 10.81 -11.79
C VAL A 182 8.20 11.32 -10.68
N LEU A 183 7.67 12.22 -9.87
CA LEU A 183 8.32 12.63 -8.63
C LEU A 183 7.56 11.97 -7.47
N TYR A 184 8.16 10.92 -6.91
CA TYR A 184 7.61 10.24 -5.74
C TYR A 184 7.65 11.11 -4.48
N PHE A 185 7.00 10.61 -3.43
CA PHE A 185 7.19 11.08 -2.06
C PHE A 185 8.54 10.53 -1.59
N SER A 186 8.80 10.51 -0.29
CA SER A 186 9.91 9.73 0.25
C SER A 186 9.63 8.26 -0.04
N GLU A 187 10.66 7.43 0.03
CA GLU A 187 10.46 5.99 -0.15
C GLU A 187 9.46 5.51 0.92
N GLY A 188 8.49 4.72 0.49
CA GLY A 188 7.52 4.16 1.41
C GLY A 188 6.11 4.10 0.87
N TYR A 189 5.17 4.04 1.81
CA TYR A 189 3.78 3.75 1.52
C TYR A 189 3.09 4.73 0.57
N ILE A 190 3.26 6.02 0.84
CA ILE A 190 2.63 7.06 0.04
C ILE A 190 3.08 6.99 -1.41
N SER A 191 4.37 6.81 -1.62
CA SER A 191 4.93 6.63 -2.96
C SER A 191 4.35 5.39 -3.64
N ASP A 192 4.20 4.30 -2.88
CA ASP A 192 3.64 3.07 -3.42
C ASP A 192 2.21 3.28 -3.93
N VAL A 193 1.35 3.87 -3.09
CA VAL A 193 -0.08 3.94 -3.41
C VAL A 193 -0.50 5.16 -4.23
N ARG A 194 0.28 6.25 -4.18
CA ARG A 194 -0.02 7.40 -5.04
C ARG A 194 0.75 7.32 -6.36
N GLY A 195 2.01 6.87 -6.28
CA GLY A 195 2.92 6.84 -7.41
C GLY A 195 2.80 5.60 -8.26
N ASP A 196 3.02 4.43 -7.67
CA ASP A 196 3.05 3.19 -8.42
C ASP A 196 1.67 2.75 -8.90
N THR A 197 0.62 3.21 -8.22
CA THR A 197 -0.75 3.06 -8.71
C THR A 197 -0.97 3.82 -10.01
N PHE A 198 -0.49 5.07 -10.05
CA PHE A 198 -0.63 5.92 -11.22
C PHE A 198 0.13 5.34 -12.41
N ILE A 199 1.38 4.95 -12.19
CA ILE A 199 2.25 4.40 -13.23
C ILE A 199 1.61 3.15 -13.82
N HIS A 200 1.16 2.26 -12.95
CA HIS A 200 0.55 1.00 -13.36
C HIS A 200 -0.64 1.26 -14.30
N GLN A 201 -1.53 2.17 -13.90
CA GLN A 201 -2.73 2.44 -14.69
C GLN A 201 -2.47 3.11 -16.04
N VAL A 202 -1.64 4.15 -16.09
CA VAL A 202 -1.40 4.85 -17.35
C VAL A 202 -0.60 4.00 -18.34
N ASN A 203 0.28 3.15 -17.81
CA ASN A 203 1.03 2.20 -18.63
C ASN A 203 0.08 1.13 -19.21
N ARG A 204 -0.88 0.67 -18.41
CA ARG A 204 -1.82 -0.39 -18.79
C ARG A 204 -2.90 0.09 -19.77
N ASP A 205 -3.52 1.22 -19.46
CA ASP A 205 -4.68 1.72 -20.22
C ASP A 205 -4.30 2.60 -21.41
N ASN A 206 -3.17 3.29 -21.31
CA ASN A 206 -2.78 4.28 -22.32
C ASN A 206 -1.39 4.07 -22.94
N ASN A 207 -0.67 3.04 -22.49
CA ASN A 207 0.68 2.75 -22.99
C ASN A 207 1.69 3.90 -22.83
N PHE A 208 1.50 4.74 -21.81
CA PHE A 208 2.44 5.82 -21.55
C PHE A 208 3.79 5.22 -21.21
N GLU A 209 4.86 5.94 -21.53
CA GLU A 209 6.21 5.47 -21.28
C GLU A 209 6.91 6.35 -20.26
N LEU A 210 7.19 5.76 -19.09
CA LEU A 210 7.91 6.43 -18.02
C LEU A 210 9.36 6.63 -18.43
N GLN A 211 9.79 7.88 -18.47
CA GLN A 211 11.16 8.25 -18.84
C GLN A 211 12.09 8.24 -17.64
N SER A 212 11.58 8.74 -16.51
CA SER A 212 12.36 8.75 -15.27
C SER A 212 11.45 8.84 -14.05
N ALA A 213 11.96 8.41 -12.90
CA ALA A 213 11.26 8.57 -11.63
C ALA A 213 12.27 8.86 -10.54
N TYR A 214 11.89 9.69 -9.58
CA TYR A 214 12.77 10.11 -8.49
C TYR A 214 12.05 10.06 -7.16
N TYR A 215 12.65 9.41 -6.18
CA TYR A 215 12.23 9.56 -4.80
C TYR A 215 12.73 10.92 -4.31
N THR A 216 11.95 11.55 -3.45
CA THR A 216 12.28 12.86 -2.88
C THR A 216 12.37 12.73 -1.36
N LYS A 217 12.62 13.85 -0.69
CA LYS A 217 12.58 13.92 0.76
C LYS A 217 11.27 14.56 1.25
N ALA A 218 10.28 14.61 0.36
CA ALA A 218 8.92 15.06 0.68
C ALA A 218 8.82 16.56 0.99
N THR A 219 9.80 17.33 0.53
CA THR A 219 9.82 18.78 0.75
C THR A 219 9.77 19.50 -0.59
N LYS A 220 9.47 20.79 -0.54
CA LYS A 220 9.52 21.65 -1.72
C LYS A 220 10.92 21.68 -2.30
N GLN A 221 11.94 21.76 -1.44
CA GLN A 221 13.33 21.79 -1.88
C GLN A 221 13.67 20.56 -2.70
N SER A 222 13.31 19.38 -2.20
CA SER A 222 13.68 18.13 -2.87
C SER A 222 12.89 17.90 -4.16
N GLY A 223 11.64 18.36 -4.21
CA GLY A 223 10.85 18.30 -5.43
C GLY A 223 11.44 19.20 -6.50
N TYR A 224 11.90 20.37 -6.07
CA TYR A 224 12.59 21.30 -6.95
C TYR A 224 13.89 20.68 -7.47
N ASP A 225 14.68 20.11 -6.57
CA ASP A 225 15.95 19.47 -6.94
C ASP A 225 15.73 18.31 -7.90
N ALA A 226 14.73 17.47 -7.60
CA ALA A 226 14.45 16.28 -8.40
C ALA A 226 13.94 16.66 -9.79
N ALA A 227 13.10 17.69 -9.89
CA ALA A 227 12.59 18.16 -11.16
C ALA A 227 13.74 18.64 -12.05
N LYS A 228 14.65 19.42 -11.47
CA LYS A 228 15.80 19.93 -12.22
C LYS A 228 16.70 18.78 -12.70
N ALA A 229 16.94 17.80 -11.83
CA ALA A 229 17.79 16.66 -12.18
C ALA A 229 17.14 15.83 -13.28
N SER A 230 15.83 15.61 -13.15
CA SER A 230 15.06 14.81 -14.11
C SER A 230 15.08 15.45 -15.49
N LEU A 231 14.83 16.75 -15.55
CA LEU A 231 14.71 17.47 -16.82
C LEU A 231 16.05 17.71 -17.50
N ALA A 232 17.14 17.74 -16.72
CA ALA A 232 18.48 17.80 -17.28
C ALA A 232 18.80 16.52 -18.04
N LYS A 233 18.38 15.38 -17.48
CA LYS A 233 18.66 14.05 -18.02
C LYS A 233 17.58 13.58 -19.02
N HIS A 234 16.34 14.02 -18.79
CA HIS A 234 15.17 13.59 -19.59
C HIS A 234 14.26 14.79 -19.87
N PRO A 235 14.71 15.69 -20.74
CA PRO A 235 13.96 16.91 -21.07
C PRO A 235 12.72 16.67 -21.92
N ASP A 236 12.65 15.52 -22.58
CA ASP A 236 11.59 15.24 -23.54
C ASP A 236 10.41 14.51 -22.87
N VAL A 237 9.75 15.18 -21.93
CA VAL A 237 8.52 14.67 -21.33
C VAL A 237 7.39 15.66 -21.56
N ASP A 238 6.15 15.17 -21.59
CA ASP A 238 4.98 16.02 -21.79
C ASP A 238 4.28 16.34 -20.46
N PHE A 239 4.49 15.50 -19.45
CA PHE A 239 4.05 15.85 -18.10
C PHE A 239 4.90 15.21 -17.03
N ILE A 240 4.78 15.77 -15.83
CA ILE A 240 5.34 15.19 -14.62
C ILE A 240 4.20 14.90 -13.66
N TYR A 241 4.16 13.69 -13.13
CA TYR A 241 3.23 13.34 -12.07
C TYR A 241 3.96 13.44 -10.73
N ALA A 242 3.42 14.24 -9.83
CA ALA A 242 3.96 14.43 -8.49
C ALA A 242 3.05 13.75 -7.48
N CYS A 243 3.64 13.18 -6.44
CA CYS A 243 2.86 12.44 -5.45
C CYS A 243 2.39 13.27 -4.26
N SER A 244 2.83 14.53 -4.15
CA SER A 244 2.46 15.34 -3.00
C SER A 244 2.55 16.84 -3.29
N THR A 245 1.90 17.63 -2.45
CA THR A 245 1.74 19.06 -2.67
C THR A 245 3.07 19.80 -2.73
N ASP A 246 3.88 19.64 -1.69
CA ASP A 246 5.11 20.45 -1.60
C ASP A 246 6.09 20.05 -2.71
N VAL A 247 6.13 18.76 -3.03
CA VAL A 247 6.94 18.27 -4.13
C VAL A 247 6.50 18.92 -5.44
N ALA A 248 5.20 18.95 -5.69
CA ALA A 248 4.67 19.53 -6.92
C ALA A 248 5.00 21.03 -7.02
N LEU A 249 4.85 21.76 -5.93
CA LEU A 249 5.08 23.21 -5.94
C LEU A 249 6.56 23.53 -6.12
N GLY A 250 7.43 22.63 -5.67
CA GLY A 250 8.85 22.75 -5.89
C GLY A 250 9.16 22.57 -7.37
N ALA A 251 8.53 21.57 -7.98
CA ALA A 251 8.69 21.32 -9.41
C ALA A 251 8.15 22.49 -10.23
N VAL A 252 7.10 23.15 -9.75
CA VAL A 252 6.52 24.31 -10.45
C VAL A 252 7.56 25.42 -10.58
N ASP A 253 8.28 25.68 -9.50
CA ASP A 253 9.36 26.68 -9.53
C ASP A 253 10.46 26.27 -10.50
N ALA A 254 10.79 24.98 -10.52
CA ALA A 254 11.80 24.47 -11.44
C ALA A 254 11.36 24.66 -12.88
N LEU A 255 10.10 24.39 -13.18
CA LEU A 255 9.58 24.59 -14.54
C LEU A 255 9.69 26.06 -14.98
N ALA A 256 9.36 26.99 -14.09
CA ALA A 256 9.41 28.41 -14.40
C ALA A 256 10.85 28.86 -14.63
N GLU A 257 11.75 28.39 -13.78
CA GLU A 257 13.18 28.69 -13.92
C GLU A 257 13.75 28.18 -15.25
N LEU A 258 13.31 27.00 -15.67
CA LEU A 258 13.83 26.37 -16.87
C LEU A 258 13.07 26.76 -18.14
N GLY A 259 12.00 27.54 -17.99
CA GLY A 259 11.15 27.92 -19.10
C GLY A 259 10.40 26.74 -19.72
N ARG A 260 10.07 25.75 -18.89
CA ARG A 260 9.39 24.54 -19.32
C ARG A 260 7.98 24.43 -18.74
N GLU A 261 7.25 25.53 -18.78
CA GLU A 261 5.84 25.54 -18.34
C GLU A 261 4.91 24.78 -19.29
N ASP A 262 5.43 24.44 -20.48
CA ASP A 262 4.72 23.54 -21.40
C ASP A 262 4.52 22.12 -20.84
N ILE A 263 5.35 21.74 -19.87
CA ILE A 263 5.21 20.46 -19.19
C ILE A 263 4.10 20.54 -18.16
N MET A 264 3.08 19.69 -18.30
CA MET A 264 1.94 19.70 -17.39
C MET A 264 2.34 19.06 -16.07
N ILE A 265 1.75 19.52 -14.98
CA ILE A 265 2.05 18.98 -13.67
C ILE A 265 0.83 19.07 -12.76
N ASN A 266 0.69 18.10 -11.87
CA ASN A 266 -0.43 18.00 -10.95
C ASN A 266 -0.06 18.31 -9.51
N GLY A 267 -1.07 18.67 -8.72
CA GLY A 267 -0.98 18.60 -7.28
C GLY A 267 -1.63 17.32 -6.80
N TRP A 268 -1.72 17.16 -5.49
CA TRP A 268 -2.37 16.02 -4.87
C TRP A 268 -2.99 16.45 -3.54
N GLY A 269 -4.32 16.56 -3.53
CA GLY A 269 -5.06 16.83 -2.31
C GLY A 269 -5.96 18.06 -2.35
N GLY A 270 -5.52 19.10 -3.06
CA GLY A 270 -6.34 20.27 -3.34
C GLY A 270 -6.49 21.30 -2.23
N GLY A 271 -5.50 21.43 -1.36
CA GLY A 271 -5.53 22.46 -0.31
C GLY A 271 -5.39 23.88 -0.81
N SER A 272 -5.38 24.86 0.10
CA SER A 272 -5.39 26.27 -0.30
C SER A 272 -4.18 26.66 -1.19
N ALA A 273 -2.98 26.18 -0.87
CA ALA A 273 -1.80 26.49 -1.67
C ALA A 273 -1.96 25.98 -3.11
N GLU A 274 -2.48 24.76 -3.26
CA GLU A 274 -2.67 24.17 -4.58
C GLU A 274 -3.70 24.92 -5.40
N LEU A 275 -4.83 25.25 -4.77
CA LEU A 275 -5.90 25.95 -5.46
C LEU A 275 -5.48 27.35 -5.91
N ASP A 276 -4.65 28.04 -5.11
CA ASP A 276 -4.06 29.31 -5.53
C ASP A 276 -3.19 29.10 -6.77
N ALA A 277 -2.38 28.04 -6.77
CA ALA A 277 -1.54 27.72 -7.92
C ALA A 277 -2.37 27.32 -9.15
N ILE A 278 -3.47 26.62 -8.93
CA ILE A 278 -4.38 26.26 -10.02
C ILE A 278 -4.96 27.53 -10.67
N GLN A 279 -5.38 28.47 -9.84
CA GLN A 279 -6.01 29.69 -10.32
C GLN A 279 -5.00 30.58 -11.08
N LYS A 280 -3.73 30.51 -10.70
CA LYS A 280 -2.65 31.22 -11.40
C LYS A 280 -2.23 30.49 -12.68
N GLY A 281 -2.65 29.24 -12.84
CA GLY A 281 -2.22 28.43 -13.97
C GLY A 281 -0.83 27.84 -13.78
N ASP A 282 -0.31 27.87 -12.56
CA ASP A 282 0.97 27.27 -12.21
C ASP A 282 0.89 25.74 -12.06
N LEU A 283 -0.20 25.25 -11.47
CA LEU A 283 -0.54 23.83 -11.48
C LEU A 283 -1.65 23.63 -12.49
N ASP A 284 -1.57 22.54 -13.26
CA ASP A 284 -2.53 22.29 -14.33
C ASP A 284 -3.74 21.49 -13.89
N ILE A 285 -3.54 20.63 -12.91
CA ILE A 285 -4.60 19.76 -12.40
C ILE A 285 -4.30 19.36 -10.96
N THR A 286 -5.34 19.08 -10.19
CA THR A 286 -5.19 18.38 -8.92
C THR A 286 -6.43 17.57 -8.61
N VAL A 287 -6.34 16.74 -7.59
CA VAL A 287 -7.47 16.00 -7.07
C VAL A 287 -7.75 16.55 -5.67
N MET A 288 -8.95 17.04 -5.46
CA MET A 288 -9.31 17.79 -4.28
C MET A 288 -10.19 16.96 -3.34
N ARG A 289 -9.77 16.81 -2.10
CA ARG A 289 -10.58 16.18 -1.07
C ARG A 289 -11.77 17.06 -0.68
N MET A 290 -12.94 16.46 -0.54
CA MET A 290 -14.09 17.09 0.09
C MET A 290 -14.00 16.82 1.59
N ASN A 291 -13.11 17.57 2.26
CA ASN A 291 -12.72 17.37 3.66
C ASN A 291 -13.80 16.90 4.62
N ASP A 292 -14.88 17.66 4.69
CA ASP A 292 -15.90 17.46 5.71
C ASP A 292 -16.64 16.12 5.61
N ASP A 293 -16.56 15.46 4.46
CA ASP A 293 -17.18 14.14 4.24
C ASP A 293 -16.91 13.13 5.34
N THR A 294 -15.66 13.06 5.82
CA THR A 294 -15.29 12.03 6.79
C THR A 294 -15.87 12.26 8.18
N GLY A 295 -15.94 13.53 8.60
CA GLY A 295 -16.58 13.90 9.85
C GLY A 295 -18.07 13.59 9.82
N ILE A 296 -18.70 13.95 8.71
CA ILE A 296 -20.12 13.67 8.49
C ILE A 296 -20.37 12.15 8.44
N ALA A 297 -19.47 11.41 7.79
CA ALA A 297 -19.61 9.97 7.65
C ALA A 297 -19.55 9.27 9.00
N MET A 298 -18.68 9.71 9.90
CA MET A 298 -18.55 9.07 11.20
C MET A 298 -19.85 9.26 11.98
N ALA A 299 -20.42 10.46 11.90
CA ALA A 299 -21.68 10.75 12.57
C ALA A 299 -22.83 9.91 11.99
N GLU A 300 -22.86 9.74 10.67
CA GLU A 300 -23.91 8.93 10.04
C GLU A 300 -23.76 7.44 10.39
N ALA A 301 -22.52 6.98 10.55
CA ALA A 301 -22.25 5.59 10.91
C ALA A 301 -22.77 5.32 12.31
N ILE A 302 -22.49 6.26 13.21
CA ILE A 302 -22.96 6.16 14.60
C ILE A 302 -24.49 6.13 14.60
N LYS A 303 -25.11 7.02 13.84
CA LYS A 303 -26.58 7.08 13.74
C LYS A 303 -27.17 5.73 13.34
N TRP A 304 -26.64 5.15 12.25
CA TRP A 304 -27.10 3.83 11.80
C TRP A 304 -26.93 2.76 12.88
N ASP A 305 -25.82 2.81 13.61
CA ASP A 305 -25.57 1.84 14.67
C ASP A 305 -26.59 1.97 15.80
N LEU A 306 -26.94 3.22 16.14
CA LEU A 306 -27.96 3.51 17.14
C LEU A 306 -29.36 3.10 16.68
N GLU A 307 -29.56 3.08 15.35
CA GLU A 307 -30.81 2.60 14.75
C GLU A 307 -30.80 1.10 14.44
N ASP A 308 -29.78 0.38 14.90
CA ASP A 308 -29.63 -1.05 14.66
C ASP A 308 -29.60 -1.44 13.18
N LYS A 309 -29.02 -0.57 12.37
CA LYS A 309 -28.79 -0.82 10.95
C LYS A 309 -27.32 -1.22 10.76
N PRO A 310 -27.04 -2.05 9.75
CA PRO A 310 -25.65 -2.40 9.43
C PRO A 310 -24.82 -1.19 8.93
N VAL A 311 -23.55 -1.16 9.34
CA VAL A 311 -22.64 -0.06 9.06
C VAL A 311 -21.46 -0.60 8.23
N PRO A 312 -21.05 0.11 7.18
CA PRO A 312 -19.91 -0.36 6.38
C PRO A 312 -18.63 -0.35 7.19
N THR A 313 -17.75 -1.29 6.91
CA THR A 313 -16.44 -1.34 7.54
C THR A 313 -15.55 -0.18 7.07
N VAL A 314 -15.67 0.22 5.81
CA VAL A 314 -14.77 1.21 5.23
C VAL A 314 -15.52 2.29 4.44
N TYR A 315 -14.96 3.50 4.44
CA TYR A 315 -15.51 4.63 3.71
C TYR A 315 -14.39 5.58 3.31
N SER A 316 -14.35 5.89 2.02
CA SER A 316 -13.46 6.92 1.51
C SER A 316 -14.30 8.13 1.10
N GLY A 317 -13.87 9.31 1.53
CA GLY A 317 -14.54 10.55 1.18
C GLY A 317 -14.44 10.85 -0.29
N ASP A 318 -15.25 11.78 -0.76
CA ASP A 318 -15.28 12.13 -2.17
C ASP A 318 -14.08 12.97 -2.56
N PHE A 319 -13.62 12.76 -3.78
CA PHE A 319 -12.62 13.58 -4.46
C PHE A 319 -13.29 14.28 -5.64
N GLU A 320 -12.78 15.46 -6.01
CA GLU A 320 -13.14 16.13 -7.25
C GLU A 320 -11.89 16.61 -7.97
N ILE A 321 -11.80 16.31 -9.25
CA ILE A 321 -10.76 16.85 -10.11
C ILE A 321 -10.99 18.34 -10.28
N VAL A 322 -9.90 19.12 -10.19
CA VAL A 322 -9.90 20.55 -10.46
C VAL A 322 -8.79 20.85 -11.47
N THR A 323 -9.07 21.68 -12.47
CA THR A 323 -8.05 22.10 -13.42
C THR A 323 -7.96 23.62 -13.52
N LYS A 324 -6.90 24.08 -14.16
CA LYS A 324 -6.69 25.51 -14.35
C LYS A 324 -7.71 26.12 -15.32
N ALA A 325 -8.44 25.28 -16.06
CA ALA A 325 -9.54 25.74 -16.91
C ALA A 325 -10.83 26.02 -16.13
N ASP A 326 -10.93 25.52 -14.91
CA ASP A 326 -12.13 25.75 -14.09
C ASP A 326 -12.25 27.22 -13.73
N SER A 327 -13.49 27.71 -13.64
CA SER A 327 -13.75 29.10 -13.28
C SER A 327 -13.52 29.31 -11.79
N PRO A 328 -13.24 30.55 -11.39
CA PRO A 328 -13.23 30.88 -9.96
C PRO A 328 -14.54 30.53 -9.26
N GLU A 329 -15.67 30.64 -9.98
CA GLU A 329 -16.96 30.27 -9.41
C GLU A 329 -17.01 28.76 -9.06
N ARG A 330 -16.49 27.94 -9.96
CA ARG A 330 -16.44 26.49 -9.77
C ARG A 330 -15.55 26.12 -8.57
N ILE A 331 -14.38 26.72 -8.49
CA ILE A 331 -13.45 26.43 -7.40
C ILE A 331 -14.02 26.87 -6.05
N GLU A 332 -14.66 28.03 -6.01
CA GLU A 332 -15.30 28.50 -4.79
C GLU A 332 -16.42 27.54 -4.37
N ALA A 333 -17.17 27.02 -5.35
CA ALA A 333 -18.26 26.08 -5.06
C ALA A 333 -17.72 24.79 -4.46
N LEU A 334 -16.59 24.32 -5.00
CA LEU A 334 -15.94 23.13 -4.46
C LEU A 334 -15.43 23.36 -3.04
N LYS A 335 -14.87 24.55 -2.76
CA LYS A 335 -14.41 24.91 -1.41
C LYS A 335 -15.58 24.92 -0.42
N LYS A 336 -16.72 25.48 -0.83
CA LYS A 336 -17.87 25.58 0.05
C LYS A 336 -18.43 24.20 0.37
N ARG A 337 -18.36 23.30 -0.61
CA ARG A 337 -18.79 21.91 -0.43
C ARG A 337 -17.82 21.17 0.50
N ALA A 338 -16.52 21.27 0.23
CA ALA A 338 -15.52 20.60 1.05
C ALA A 338 -15.57 21.04 2.51
N PHE A 339 -15.92 22.31 2.74
CA PHE A 339 -15.95 22.88 4.07
C PHE A 339 -17.36 23.31 4.47
N ARG A 340 -18.35 22.59 3.97
CA ARG A 340 -19.75 22.97 4.20
C ARG A 340 -20.13 23.06 5.67
N TYR A 341 -19.49 22.25 6.51
CA TYR A 341 -19.75 22.25 7.95
C TYR A 341 -18.68 22.96 8.78
N SER A 342 -17.41 22.79 8.40
CA SER A 342 -16.30 23.29 9.21
C SER A 342 -16.06 24.80 9.03
N ASP A 343 -16.59 25.37 7.95
CA ASP A 343 -16.57 26.83 7.77
C ASP A 343 -17.77 27.43 8.49
N ASN A 344 -17.51 28.42 9.35
CA ASN A 344 -18.55 29.15 10.09
C ASN A 344 -19.18 28.30 11.21
N ARG B 15 -3.81 -31.78 19.48
CA ARG B 15 -3.20 -30.90 20.51
C ARG B 15 -1.82 -30.42 20.07
N THR B 16 -0.91 -31.37 19.83
CA THR B 16 0.48 -31.07 19.44
C THR B 16 0.63 -30.72 17.96
N LYS B 17 -0.50 -30.69 17.24
CA LYS B 17 -0.54 -30.25 15.85
C LYS B 17 -0.22 -28.76 15.72
N GLN B 18 -0.46 -27.99 16.78
CA GLN B 18 -0.26 -26.55 16.77
C GLN B 18 1.21 -26.14 16.77
N GLN B 19 2.00 -26.73 17.67
CA GLN B 19 3.41 -26.37 17.80
C GLN B 19 4.26 -26.79 16.60
N THR B 20 3.87 -27.88 15.95
CA THR B 20 4.54 -28.35 14.73
C THR B 20 4.24 -27.41 13.56
N SER B 21 2.99 -26.99 13.44
CA SER B 21 2.58 -26.05 12.39
C SER B 21 3.31 -24.72 12.49
N ALA B 22 3.43 -24.21 13.73
CA ALA B 22 4.09 -22.93 13.97
C ALA B 22 5.59 -22.99 13.69
N LEU B 23 6.20 -24.16 13.93
CA LEU B 23 7.64 -24.31 13.75
C LEU B 23 8.03 -24.30 12.27
N ILE B 24 7.36 -25.11 11.48
CA ILE B 24 7.66 -25.21 10.04
C ILE B 24 7.30 -23.94 9.28
N HIS B 25 6.28 -23.22 9.76
CA HIS B 25 5.91 -21.93 9.17
C HIS B 25 6.93 -20.86 9.53
N ASN B 26 7.57 -21.01 10.70
CA ASN B 26 8.66 -20.11 11.09
C ASN B 26 9.92 -20.37 10.28
N ILE B 27 10.18 -21.62 9.92
CA ILE B 27 11.32 -21.95 9.08
C ILE B 27 11.06 -21.47 7.65
N PHE B 28 9.83 -21.67 7.18
CA PHE B 28 9.39 -21.19 5.88
C PHE B 28 9.61 -19.68 5.79
N ASP B 29 9.06 -18.94 6.74
CA ASP B 29 9.18 -17.48 6.80
C ASP B 29 10.63 -17.00 6.87
N SER B 30 11.46 -17.71 7.61
CA SER B 30 12.83 -17.28 7.84
C SER B 30 13.66 -17.41 6.57
N HIS B 31 13.30 -18.38 5.72
CA HIS B 31 13.93 -18.54 4.41
C HIS B 31 13.70 -17.31 3.53
N PHE B 32 12.47 -16.85 3.47
CA PHE B 32 12.11 -15.69 2.64
C PHE B 32 12.54 -14.36 3.25
N ALA B 33 12.50 -14.25 4.58
CA ALA B 33 12.95 -13.04 5.27
C ALA B 33 14.45 -12.82 5.06
N ALA B 34 15.22 -13.89 5.10
CA ALA B 34 16.65 -13.83 4.86
C ALA B 34 16.94 -13.43 3.42
N ILE B 35 16.21 -13.99 2.46
CA ILE B 35 16.39 -13.62 1.05
C ILE B 35 15.98 -12.16 0.82
N GLN B 36 14.92 -11.73 1.50
CA GLN B 36 14.44 -10.35 1.43
C GLN B 36 15.49 -9.37 1.94
N ILE B 37 16.18 -9.75 3.01
CA ILE B 37 17.18 -8.88 3.64
C ILE B 37 18.39 -8.74 2.73
N HIS B 38 18.85 -9.85 2.15
CA HIS B 38 19.94 -9.83 1.18
C HIS B 38 19.57 -9.02 -0.06
N HIS B 39 18.35 -9.21 -0.55
CA HIS B 39 17.89 -8.53 -1.77
C HIS B 39 17.92 -7.02 -1.59
N ASP B 40 17.41 -6.56 -0.45
CA ASP B 40 17.41 -5.12 -0.13
C ASP B 40 18.84 -4.57 -0.06
N SER B 41 19.74 -5.33 0.57
CA SER B 41 21.11 -4.86 0.80
C SER B 41 21.95 -4.91 -0.48
N ASN B 42 21.87 -6.03 -1.20
CA ASN B 42 22.51 -6.18 -2.50
C ASN B 42 22.08 -5.11 -3.48
N SER B 43 20.83 -4.64 -3.36
CA SER B 43 20.28 -3.65 -4.30
C SER B 43 20.83 -2.25 -4.05
N LYS B 44 21.40 -2.02 -2.88
CA LYS B 44 22.07 -0.73 -2.56
C LYS B 44 23.51 -0.69 -3.08
N SER B 45 23.99 -1.84 -3.55
CA SER B 45 25.37 -2.01 -3.99
C SER B 45 25.75 -1.08 -5.14
N GLU B 46 26.96 -0.53 -5.04
CA GLU B 46 27.54 0.30 -6.08
C GLU B 46 27.75 -0.48 -7.39
N VAL B 47 27.99 -1.79 -7.28
CA VAL B 47 28.24 -2.63 -8.45
C VAL B 47 27.03 -2.68 -9.39
N ILE B 48 25.84 -2.85 -8.82
CA ILE B 48 24.61 -2.91 -9.62
C ILE B 48 24.31 -1.55 -10.24
N ARG B 49 24.49 -0.48 -9.49
CA ARG B 49 24.28 0.88 -10.00
C ARG B 49 25.17 1.18 -11.21
N ASP B 50 26.45 0.82 -11.10
CA ASP B 50 27.42 1.06 -12.16
C ASP B 50 27.12 0.21 -13.40
N PHE B 51 26.47 -0.93 -13.18
CA PHE B 51 26.05 -1.80 -14.29
C PHE B 51 25.05 -1.12 -15.22
N TYR B 52 24.18 -0.26 -14.68
CA TYR B 52 23.21 0.45 -15.51
C TYR B 52 23.88 1.39 -16.53
N THR B 53 25.10 1.84 -16.23
CA THR B 53 25.89 2.67 -17.14
C THR B 53 26.72 1.87 -18.16
N ASP B 54 27.63 1.03 -17.66
CA ASP B 54 28.61 0.33 -18.52
C ASP B 54 28.14 -1.03 -19.05
N ARG B 55 27.20 -1.66 -18.34
CA ARG B 55 26.58 -2.93 -18.77
C ARG B 55 27.61 -4.05 -18.95
N ASP B 56 28.43 -4.24 -17.92
CA ASP B 56 29.48 -5.26 -17.94
C ASP B 56 29.01 -6.51 -17.20
N THR B 57 28.51 -7.48 -17.96
CA THR B 57 27.92 -8.71 -17.42
C THR B 57 28.91 -9.52 -16.56
N ASP B 58 30.19 -9.47 -16.90
CA ASP B 58 31.20 -10.27 -16.19
C ASP B 58 31.45 -9.79 -14.76
N VAL B 59 31.46 -8.47 -14.57
CA VAL B 59 31.62 -7.90 -13.23
C VAL B 59 30.38 -8.17 -12.37
N LEU B 60 29.20 -8.11 -12.98
CA LEU B 60 27.93 -8.31 -12.26
C LEU B 60 27.76 -9.76 -11.80
N ASN B 61 28.09 -10.71 -12.68
CA ASN B 61 27.97 -12.14 -12.37
C ASN B 61 28.92 -12.56 -11.26
N PHE B 62 30.14 -12.03 -11.28
CA PHE B 62 31.12 -12.31 -10.23
C PHE B 62 30.65 -11.78 -8.88
N PHE B 63 30.01 -10.61 -8.89
CA PHE B 63 29.46 -9.99 -7.69
C PHE B 63 28.42 -10.90 -7.02
N PHE B 64 27.47 -11.41 -7.82
CA PHE B 64 26.41 -12.27 -7.30
C PHE B 64 26.94 -13.64 -6.88
N LEU B 65 27.99 -14.12 -7.54
CA LEU B 65 28.63 -15.38 -7.18
C LEU B 65 29.21 -15.31 -5.76
N SER B 66 29.76 -14.15 -5.40
CA SER B 66 30.43 -13.96 -4.10
C SER B 66 29.46 -13.88 -2.93
N ILE B 67 28.32 -13.20 -3.13
CA ILE B 67 27.30 -13.08 -2.08
C ILE B 67 26.61 -14.41 -1.82
N ASP B 68 26.37 -15.16 -2.89
CA ASP B 68 25.75 -16.48 -2.78
C ASP B 68 26.68 -17.47 -2.08
N GLN B 69 27.98 -17.28 -2.24
CA GLN B 69 28.98 -18.15 -1.61
C GLN B 69 28.89 -18.11 -0.08
N SER B 70 28.71 -16.91 0.47
CA SER B 70 28.66 -16.71 1.92
C SER B 70 27.42 -17.33 2.57
N ASP B 71 26.25 -17.12 1.96
CA ASP B 71 24.98 -17.60 2.50
C ASP B 71 24.24 -18.39 1.40
N PRO B 72 24.73 -19.59 1.07
CA PRO B 72 24.20 -20.35 -0.08
C PRO B 72 22.74 -20.77 0.03
N SER B 73 22.27 -21.10 1.23
CA SER B 73 20.89 -21.54 1.40
C SER B 73 19.85 -20.43 1.16
N HIS B 74 20.23 -19.18 1.41
CA HIS B 74 19.34 -18.03 1.26
C HIS B 74 19.61 -17.23 -0.01
N THR B 75 19.61 -17.92 -1.15
CA THR B 75 19.68 -17.26 -2.45
C THR B 75 18.41 -17.56 -3.26
N PRO B 76 18.05 -16.65 -4.15
CA PRO B 76 16.91 -16.89 -5.04
C PRO B 76 17.30 -17.88 -6.14
N GLU B 77 16.32 -18.57 -6.70
CA GLU B 77 16.55 -19.45 -7.83
C GLU B 77 16.94 -18.68 -9.08
N PHE B 78 16.36 -17.49 -9.27
CA PHE B 78 16.84 -16.59 -10.33
C PHE B 78 16.61 -15.13 -10.04
N ARG B 79 17.38 -14.28 -10.71
CA ARG B 79 17.23 -12.85 -10.59
C ARG B 79 17.37 -12.19 -11.95
N PHE B 80 16.77 -11.01 -12.06
CA PHE B 80 16.90 -10.20 -13.25
C PHE B 80 16.76 -8.71 -12.90
N LEU B 81 17.27 -7.86 -13.79
CA LEU B 81 17.24 -6.42 -13.60
C LEU B 81 16.48 -5.80 -14.76
N THR B 82 15.73 -4.74 -14.48
CA THR B 82 15.04 -3.98 -15.51
C THR B 82 15.46 -2.52 -15.44
N ASP B 83 15.29 -1.81 -16.54
CA ASP B 83 15.19 -0.35 -16.49
C ASP B 83 13.70 -0.09 -16.68
N HIS B 84 13.33 1.10 -17.13
CA HIS B 84 11.91 1.42 -17.25
C HIS B 84 11.27 0.91 -18.54
N LYS B 85 12.08 0.61 -19.56
CA LYS B 85 11.59 0.01 -20.81
C LYS B 85 11.34 -1.51 -20.69
N GLY B 86 12.31 -2.23 -20.13
CA GLY B 86 12.17 -3.67 -19.93
C GLY B 86 13.38 -4.33 -19.28
N ILE B 87 13.49 -5.64 -19.42
CA ILE B 87 14.59 -6.40 -18.81
C ILE B 87 15.89 -6.12 -19.56
N ILE B 88 16.95 -5.82 -18.80
CA ILE B 88 18.29 -5.55 -19.35
C ILE B 88 19.30 -6.66 -19.05
N TRP B 89 18.99 -7.50 -18.07
CA TRP B 89 19.86 -8.61 -17.68
C TRP B 89 19.07 -9.64 -16.90
N ASP B 90 19.36 -10.92 -17.11
CA ASP B 90 18.98 -11.97 -16.17
C ASP B 90 20.16 -12.92 -16.01
N ASP B 91 20.17 -13.66 -14.91
CA ASP B 91 21.34 -14.47 -14.54
C ASP B 91 21.45 -15.80 -15.30
N GLY B 92 20.47 -16.07 -16.17
CA GLY B 92 20.48 -17.26 -17.01
C GLY B 92 19.89 -18.50 -16.36
N ASN B 93 19.51 -18.41 -15.08
CA ASN B 93 18.97 -19.53 -14.33
C ASN B 93 17.51 -19.83 -14.70
N ALA B 94 16.78 -18.79 -15.11
CA ALA B 94 15.36 -18.94 -15.46
C ALA B 94 15.11 -19.96 -16.57
N HIS B 95 16.04 -20.02 -17.53
CA HIS B 95 15.88 -20.81 -18.74
C HIS B 95 15.49 -22.27 -18.46
N PHE B 96 16.23 -22.96 -17.59
CA PHE B 96 15.98 -24.38 -17.35
C PHE B 96 14.71 -24.64 -16.53
N TYR B 97 14.19 -23.63 -15.84
CA TYR B 97 12.88 -23.74 -15.18
C TYR B 97 11.70 -23.61 -16.17
N GLY B 98 11.97 -23.35 -17.44
CA GLY B 98 10.93 -23.10 -18.43
C GLY B 98 10.45 -21.67 -18.44
N VAL B 99 11.04 -20.83 -17.58
CA VAL B 99 10.68 -19.41 -17.52
C VAL B 99 11.42 -18.69 -18.64
N ASN B 100 10.82 -18.70 -19.82
CA ASN B 100 11.43 -18.14 -21.01
C ASN B 100 11.40 -16.62 -20.97
N ASP B 101 11.98 -15.97 -21.97
CA ASP B 101 12.11 -14.51 -21.97
C ASP B 101 10.76 -13.78 -21.99
N LEU B 102 9.77 -14.34 -22.69
CA LEU B 102 8.42 -13.72 -22.69
C LEU B 102 7.75 -13.85 -21.31
N ILE B 103 7.96 -14.97 -20.62
CA ILE B 103 7.41 -15.16 -19.28
C ILE B 103 8.11 -14.24 -18.26
N LEU B 104 9.42 -14.04 -18.43
CA LEU B 104 10.16 -13.08 -17.61
C LEU B 104 9.58 -11.67 -17.78
N ASP B 105 9.31 -11.29 -19.02
CA ASP B 105 8.72 -9.99 -19.31
C ASP B 105 7.37 -9.87 -18.60
N SER B 106 6.60 -10.95 -18.60
CA SER B 106 5.29 -10.95 -17.95
C SER B 106 5.41 -10.84 -16.43
N LEU B 107 6.40 -11.52 -15.86
CA LEU B 107 6.65 -11.43 -14.41
C LEU B 107 6.97 -9.99 -14.02
N ALA B 108 7.74 -9.30 -14.86
CA ALA B 108 8.13 -7.93 -14.59
C ALA B 108 6.92 -6.98 -14.62
N ASN B 109 5.99 -7.26 -15.53
CA ASN B 109 4.75 -6.48 -15.65
C ASN B 109 3.79 -6.77 -14.49
N ARG B 110 3.74 -8.02 -14.04
CA ARG B 110 2.78 -8.43 -13.01
C ARG B 110 3.16 -7.89 -11.62
N VAL B 111 4.47 -7.78 -11.37
CA VAL B 111 4.98 -7.33 -10.08
C VAL B 111 5.12 -5.80 -10.19
N SER B 112 4.02 -5.10 -9.89
CA SER B 112 3.91 -3.66 -10.10
C SER B 112 4.12 -2.82 -8.83
N PHE B 113 4.24 -3.47 -7.69
CA PHE B 113 4.65 -2.81 -6.45
C PHE B 113 5.97 -3.42 -5.98
N SER B 114 6.80 -2.60 -5.32
CA SER B 114 8.08 -3.03 -4.76
C SER B 114 7.95 -3.47 -3.31
N ASN B 115 8.97 -4.16 -2.83
CA ASN B 115 9.15 -4.53 -1.42
C ASN B 115 8.08 -5.48 -0.87
N ASN B 116 7.46 -6.24 -1.77
CA ASN B 116 6.40 -7.18 -1.41
C ASN B 116 6.52 -8.45 -2.25
N TRP B 117 6.48 -9.61 -1.59
CA TRP B 117 6.42 -10.88 -2.32
C TRP B 117 5.09 -10.99 -3.04
N TYR B 118 5.13 -11.57 -4.23
CA TYR B 118 3.94 -11.95 -4.98
C TYR B 118 3.97 -13.45 -5.14
N TYR B 119 2.86 -14.13 -4.88
CA TYR B 119 2.72 -15.52 -5.27
C TYR B 119 2.20 -15.60 -6.72
N ILE B 120 2.96 -16.27 -7.57
CA ILE B 120 2.62 -16.44 -8.98
C ILE B 120 2.68 -17.91 -9.39
N ASN B 121 1.58 -18.41 -9.96
CA ASN B 121 1.49 -19.76 -10.51
C ASN B 121 1.24 -19.62 -12.00
N VAL B 122 2.24 -19.96 -12.82
CA VAL B 122 2.19 -19.76 -14.26
C VAL B 122 2.62 -21.02 -15.02
N MET B 123 1.91 -21.35 -16.10
CA MET B 123 2.27 -22.50 -16.92
C MET B 123 3.48 -22.14 -17.78
N THR B 124 4.33 -23.15 -18.02
CA THR B 124 5.42 -23.06 -18.96
C THR B 124 5.38 -24.29 -19.87
N SER B 125 6.28 -24.34 -20.83
CA SER B 125 6.36 -25.48 -21.75
C SER B 125 6.77 -26.78 -21.05
N ILE B 126 7.32 -26.69 -19.84
CA ILE B 126 7.74 -27.87 -19.09
C ILE B 126 7.02 -28.06 -17.76
N GLY B 127 5.87 -27.41 -17.60
CA GLY B 127 5.02 -27.60 -16.43
C GLY B 127 4.74 -26.30 -15.69
N SER B 128 3.81 -26.39 -14.74
CA SER B 128 3.45 -25.25 -13.92
C SER B 128 4.61 -24.87 -13.00
N ARG B 129 4.82 -23.57 -12.85
CA ARG B 129 5.86 -23.04 -11.96
C ARG B 129 5.21 -22.16 -10.91
N HIS B 130 5.40 -22.54 -9.65
CA HIS B 130 4.88 -21.85 -8.49
C HIS B 130 6.03 -21.08 -7.85
N MET B 131 5.92 -19.75 -7.87
CA MET B 131 7.02 -18.86 -7.52
C MET B 131 6.61 -17.78 -6.53
N LEU B 132 7.56 -17.34 -5.73
CA LEU B 132 7.44 -16.09 -4.98
C LEU B 132 8.44 -15.12 -5.58
N VAL B 133 7.95 -13.94 -5.98
CA VAL B 133 8.75 -12.96 -6.70
C VAL B 133 8.58 -11.58 -6.04
N ARG B 134 9.66 -10.83 -5.95
CA ARG B 134 9.60 -9.46 -5.44
C ARG B 134 10.60 -8.58 -6.18
N ARG B 135 10.32 -7.27 -6.20
CA ARG B 135 11.24 -6.31 -6.78
C ARG B 135 11.58 -5.21 -5.78
N VAL B 136 12.74 -4.60 -5.97
CA VAL B 136 13.20 -3.43 -5.20
C VAL B 136 13.77 -2.43 -6.20
N PRO B 137 13.54 -1.13 -6.00
CA PRO B 137 14.13 -0.12 -6.90
C PRO B 137 15.64 -0.02 -6.73
N ILE B 138 16.36 0.16 -7.83
CA ILE B 138 17.78 0.48 -7.80
C ILE B 138 17.90 2.00 -7.84
N LEU B 139 18.47 2.58 -6.79
CA LEU B 139 18.53 4.03 -6.62
C LEU B 139 19.93 4.62 -6.85
N ASP B 140 19.96 5.87 -7.30
CA ASP B 140 21.15 6.70 -7.28
C ASP B 140 21.08 7.42 -5.92
N PRO B 141 21.97 7.08 -4.98
CA PRO B 141 21.90 7.63 -3.62
C PRO B 141 21.98 9.15 -3.52
N SER B 142 22.54 9.83 -4.52
CA SER B 142 22.71 11.28 -4.49
C SER B 142 21.50 12.07 -5.01
N THR B 143 20.84 11.56 -6.07
CA THR B 143 19.72 12.28 -6.71
C THR B 143 18.34 11.74 -6.36
N GLY B 144 18.28 10.49 -5.92
CA GLY B 144 17.02 9.78 -5.71
C GLY B 144 16.46 9.11 -6.97
N GLU B 145 17.20 9.16 -8.08
CA GLU B 145 16.71 8.59 -9.33
C GLU B 145 16.51 7.08 -9.18
N VAL B 146 15.38 6.58 -9.65
CA VAL B 146 15.15 5.14 -9.78
C VAL B 146 15.64 4.74 -11.16
N LEU B 147 16.75 4.02 -11.20
CA LEU B 147 17.36 3.59 -12.45
C LEU B 147 16.59 2.42 -13.06
N GLY B 148 15.92 1.67 -12.18
CA GLY B 148 15.17 0.49 -12.58
C GLY B 148 14.88 -0.38 -11.39
N PHE B 149 14.64 -1.67 -11.63
CA PHE B 149 14.28 -2.59 -10.56
C PHE B 149 15.08 -3.90 -10.62
N SER B 150 15.34 -4.44 -9.44
CA SER B 150 15.95 -5.75 -9.26
C SER B 150 14.89 -6.73 -8.77
N PHE B 151 14.76 -7.86 -9.46
CA PHE B 151 13.79 -8.89 -9.16
C PHE B 151 14.49 -10.14 -8.60
N ASN B 152 13.89 -10.74 -7.57
CA ASN B 152 14.32 -12.02 -7.04
C ASN B 152 13.14 -12.97 -7.14
N ALA B 153 13.41 -14.19 -7.62
CA ALA B 153 12.38 -15.22 -7.71
C ALA B 153 12.81 -16.50 -7.00
N VAL B 154 11.93 -17.00 -6.15
CA VAL B 154 12.07 -18.32 -5.54
C VAL B 154 11.14 -19.26 -6.31
N VAL B 155 11.68 -20.36 -6.83
CA VAL B 155 10.86 -21.38 -7.50
C VAL B 155 10.61 -22.51 -6.51
N LEU B 156 9.35 -22.72 -6.18
CA LEU B 156 8.98 -23.71 -5.16
C LEU B 156 9.02 -25.16 -5.69
N ASP B 157 8.76 -25.33 -6.99
CA ASP B 157 8.65 -26.67 -7.58
C ASP B 157 9.95 -27.44 -7.48
N ASN B 158 9.87 -28.62 -6.88
CA ASN B 158 11.01 -29.51 -6.73
C ASN B 158 12.25 -28.79 -6.23
N ASN B 159 12.04 -27.89 -5.26
CA ASN B 159 13.14 -27.16 -4.65
C ASN B 159 13.75 -28.10 -3.62
N PHE B 160 14.74 -28.87 -4.08
CA PHE B 160 15.43 -29.85 -3.25
C PHE B 160 15.88 -29.23 -1.93
N ALA B 161 16.68 -28.17 -2.05
CA ALA B 161 17.29 -27.51 -0.89
C ALA B 161 16.26 -27.01 0.13
N LEU B 162 15.15 -26.44 -0.34
CA LEU B 162 14.15 -25.86 0.56
C LEU B 162 13.40 -26.94 1.33
N MET B 163 13.00 -28.01 0.65
CA MET B 163 12.32 -29.11 1.32
C MET B 163 13.27 -29.75 2.35
N GLU B 164 14.54 -29.89 1.99
CA GLU B 164 15.55 -30.48 2.88
C GLU B 164 15.73 -29.64 4.15
N LYS B 165 15.65 -28.32 4.00
CA LYS B 165 15.79 -27.38 5.11
C LYS B 165 14.56 -27.38 6.03
N LEU B 166 13.38 -27.58 5.45
CA LEU B 166 12.13 -27.60 6.21
C LEU B 166 12.06 -28.84 7.09
N LYS B 167 12.47 -29.97 6.51
CA LYS B 167 12.55 -31.24 7.24
C LYS B 167 13.63 -31.19 8.32
N SER B 168 14.81 -30.71 7.95
CA SER B 168 16.00 -30.71 8.82
C SER B 168 15.82 -29.86 10.07
N GLU B 169 15.31 -28.64 9.90
CA GLU B 169 15.20 -27.67 11.00
C GLU B 169 13.95 -27.87 11.87
N SER B 170 12.97 -28.61 11.37
CA SER B 170 11.77 -28.94 12.13
C SER B 170 11.87 -30.32 12.77
N ASN B 171 12.94 -31.05 12.44
CA ASN B 171 13.17 -32.43 12.88
C ASN B 171 11.97 -33.38 12.68
N VAL B 172 11.19 -33.14 11.63
CA VAL B 172 10.14 -34.09 11.24
C VAL B 172 10.75 -35.09 10.26
N ASP B 173 10.03 -36.18 10.01
CA ASP B 173 10.56 -37.25 9.15
C ASP B 173 10.56 -36.85 7.68
N ASN B 174 9.49 -36.22 7.23
CA ASN B 174 9.40 -35.72 5.85
C ASN B 174 8.43 -34.55 5.69
N VAL B 175 8.41 -33.97 4.50
CA VAL B 175 7.51 -32.85 4.21
C VAL B 175 7.19 -32.79 2.71
N VAL B 176 5.95 -32.43 2.40
CA VAL B 176 5.46 -32.29 1.04
C VAL B 176 4.80 -30.92 0.90
N LEU B 177 5.19 -30.16 -0.12
CA LEU B 177 4.55 -28.89 -0.44
C LEU B 177 3.47 -29.13 -1.49
N VAL B 178 2.28 -28.59 -1.24
CA VAL B 178 1.10 -28.83 -2.06
C VAL B 178 0.44 -27.50 -2.45
N ALA B 179 -0.13 -27.45 -3.65
CA ALA B 179 -0.94 -26.32 -4.09
C ALA B 179 -2.26 -26.87 -4.61
N ASN B 180 -3.35 -26.59 -3.90
CA ASN B 180 -4.67 -27.09 -4.24
C ASN B 180 -4.68 -28.60 -4.49
N SER B 181 -4.15 -29.34 -3.52
CA SER B 181 -4.10 -30.81 -3.53
C SER B 181 -3.22 -31.45 -4.63
N VAL B 182 -2.30 -30.67 -5.20
CA VAL B 182 -1.33 -31.18 -6.17
C VAL B 182 0.08 -30.95 -5.62
N PRO B 183 0.86 -32.01 -5.44
CA PRO B 183 2.20 -31.87 -4.86
C PRO B 183 3.16 -31.16 -5.80
N LEU B 184 3.93 -30.21 -5.26
CA LEU B 184 4.90 -29.41 -6.01
C LEU B 184 6.34 -29.82 -5.71
N ALA B 185 6.59 -30.22 -4.48
CA ALA B 185 7.92 -30.60 -4.02
C ALA B 185 7.81 -31.48 -2.79
N ASN B 186 8.83 -32.29 -2.55
CA ASN B 186 8.89 -33.14 -1.35
C ASN B 186 10.33 -33.46 -0.96
N SER B 187 10.51 -33.91 0.29
CA SER B 187 11.85 -34.19 0.82
C SER B 187 12.15 -35.69 0.91
N LEU B 188 11.31 -36.53 0.32
CA LEU B 188 11.41 -37.97 0.48
C LEU B 188 12.67 -38.49 -0.21
N ILE B 189 13.45 -39.30 0.50
CA ILE B 189 14.68 -39.89 -0.06
C ILE B 189 14.35 -40.97 -1.11
N GLY B 190 13.31 -41.77 -0.85
CA GLY B 190 12.81 -42.75 -1.81
C GLY B 190 12.68 -44.17 -1.27
N ASP B 191 13.34 -44.47 -0.14
CA ASP B 191 13.36 -45.82 0.42
C ASP B 191 12.56 -45.96 1.72
N GLU B 192 11.49 -45.18 1.86
CA GLU B 192 10.65 -45.22 3.06
C GLU B 192 9.36 -46.01 2.78
N PRO B 193 8.64 -46.43 3.83
CA PRO B 193 7.46 -47.30 3.65
C PRO B 193 6.29 -46.67 2.88
N TYR B 194 6.32 -45.36 2.70
CA TYR B 194 5.25 -44.61 2.06
C TYR B 194 5.80 -43.73 0.94
N ASN B 195 4.93 -43.31 0.03
CA ASN B 195 5.28 -42.33 -0.99
C ASN B 195 4.47 -41.04 -0.81
N VAL B 196 4.56 -40.12 -1.75
CA VAL B 196 3.89 -38.82 -1.64
C VAL B 196 2.37 -38.96 -1.69
N ALA B 197 1.87 -39.78 -2.61
CA ALA B 197 0.42 -39.98 -2.77
C ALA B 197 -0.25 -40.49 -1.49
N ASP B 198 0.45 -41.32 -0.71
CA ASP B 198 -0.07 -41.88 0.54
C ASP B 198 -0.22 -40.78 1.61
N VAL B 199 0.75 -39.87 1.65
CA VAL B 199 0.70 -38.71 2.53
C VAL B 199 -0.50 -37.81 2.22
N LEU B 200 -0.84 -37.70 0.94
CA LEU B 200 -1.96 -36.87 0.52
C LEU B 200 -3.29 -37.57 0.80
N VAL B 214 0.55 -36.06 7.64
CA VAL B 214 -0.40 -36.24 8.73
C VAL B 214 -0.93 -34.90 9.27
N ILE B 215 -0.08 -33.87 9.33
CA ILE B 215 -0.51 -32.51 9.72
C ILE B 215 -0.49 -31.56 8.52
N GLU B 216 -1.57 -30.77 8.35
CA GLU B 216 -1.67 -29.77 7.28
C GLU B 216 -1.41 -28.37 7.84
N THR B 217 -0.56 -27.61 7.14
CA THR B 217 -0.22 -26.25 7.55
C THR B 217 -0.33 -25.31 6.35
N PRO B 218 -1.46 -24.61 6.23
CA PRO B 218 -1.61 -23.62 5.15
C PRO B 218 -0.54 -22.53 5.20
N ILE B 219 -0.06 -22.10 4.03
CA ILE B 219 0.92 -21.02 3.95
C ILE B 219 0.17 -19.69 3.92
N VAL B 220 0.43 -18.87 4.95
CA VAL B 220 -0.18 -17.57 5.11
C VAL B 220 0.96 -16.55 5.23
N VAL B 221 0.97 -15.57 4.35
CA VAL B 221 2.00 -14.53 4.35
C VAL B 221 1.34 -13.18 4.54
N ASN B 222 1.74 -12.47 5.59
CA ASN B 222 1.10 -11.18 5.96
C ASN B 222 -0.43 -11.29 5.97
N ALA B 223 -0.93 -12.36 6.58
CA ALA B 223 -2.35 -12.63 6.73
C ALA B 223 -3.12 -12.80 5.41
N VAL B 224 -2.39 -13.02 4.33
CA VAL B 224 -2.99 -13.40 3.06
C VAL B 224 -2.95 -14.92 2.96
N THR B 225 -4.12 -15.54 2.85
CA THR B 225 -4.22 -16.99 2.64
C THR B 225 -3.85 -17.34 1.19
N THR B 226 -2.90 -18.26 1.03
CA THR B 226 -2.50 -18.76 -0.29
C THR B 226 -3.04 -20.17 -0.52
N GLU B 227 -2.90 -20.65 -1.75
CA GLU B 227 -3.33 -22.00 -2.10
C GLU B 227 -2.29 -23.05 -1.66
N LEU B 228 -1.16 -22.59 -1.15
CA LEU B 228 -0.07 -23.46 -0.72
C LEU B 228 -0.34 -24.08 0.66
N CYS B 229 0.14 -25.31 0.84
CA CYS B 229 0.05 -26.04 2.10
C CYS B 229 1.30 -26.88 2.32
N LEU B 230 1.75 -26.94 3.57
CA LEU B 230 2.86 -27.78 3.97
C LEU B 230 2.30 -29.00 4.70
N LEU B 231 2.63 -30.19 4.21
CA LEU B 231 2.22 -31.44 4.84
C LEU B 231 3.45 -32.07 5.48
N THR B 232 3.43 -32.23 6.81
CA THR B 232 4.53 -32.86 7.53
C THR B 232 4.16 -34.29 7.94
N VAL B 233 5.16 -35.16 7.97
CA VAL B 233 4.99 -36.54 8.38
C VAL B 233 5.78 -36.73 9.67
N GLN B 234 5.08 -37.08 10.75
CA GLN B 234 5.69 -37.36 12.05
C GLN B 234 5.49 -38.82 12.47
N ASP B 235 4.67 -39.57 11.74
CA ASP B 235 4.40 -40.97 12.03
C ASP B 235 4.42 -41.82 10.75
C3' NHE C . 2.05 -3.21 -2.09
C2' NHE C . 0.70 -3.31 -1.81
C1' NHE C . 0.02 -2.23 -1.28
C6' NHE C . 0.64 -1.01 -1.07
N NHE C . -1.26 -2.38 -1.06
C1 NHE C . -2.01 -2.33 -2.31
C2 NHE C . -3.44 -2.75 -2.16
S NHE C . -3.72 -3.31 -3.84
O1 NHE C . -5.18 -3.54 -4.12
O2 NHE C . -3.18 -2.26 -4.79
O3 NHE C . -2.97 -4.61 -4.01
C5' NHE C . 2.00 -0.90 -1.35
C4' NHE C . 2.70 -1.99 -1.86
#